data_6I8W
#
_entry.id   6I8W
#
_cell.length_a   133.871
_cell.length_b   133.871
_cell.length_c   212.358
_cell.angle_alpha   90.00
_cell.angle_beta   90.00
_cell.angle_gamma   90.00
#
_symmetry.space_group_name_H-M   'I 41 2 2'
#
loop_
_entity.id
_entity.type
_entity.pdbx_description
1 polymer 'Alpha/beta fold hydrolase'
2 non-polymer 'MYRISTIC ACID'
3 non-polymer 'octyl beta-D-glucopyranoside'
4 non-polymer 'ISOPROPYL ALCOHOL'
5 non-polymer 'CARBON DIOXIDE'
6 non-polymer 'UNDECANOIC ACID'
7 water water
#
_entity_poly.entity_id   1
_entity_poly.type   'polypeptide(L)'
_entity_poly.pdbx_seq_one_letter_code
;(FME)KRFLLGLVLLLAVAAGVLYFVPATLLASVRTVERGLAGLSEHSVQVDNLEIAYLEGGSEKNPTLLLIHGFGADKD
NWLRFARPLTERYHVVALDLPGFGDSSKPQQASYDVGTQAERVANFAAAIGVRRLHLAGNSMGGHIAALYAARHPEQVLS
LALIDNAGVMPARKSELFEDLERGENPLVVRQPEDFQKLLDFVFVQQPPLPAPLKRYLGERAVAASAFNAQIFEQLRQRY
IPLEPELPKIEAPTLLLWGDRDRVLDVSSIEVMRPLLKRPSVVIMENCGHVPMVERPEETAQHYQAFLDGVRNAQVAGRG
HHHHHH
;
_entity_poly.pdbx_strand_id   A,B
#
# COMPACT_ATOMS: atom_id res chain seq x y z
N LYS A 2 30.50 -3.52 34.25
CA LYS A 2 29.07 -3.25 34.13
C LYS A 2 28.73 -2.52 32.83
N ARG A 3 29.58 -1.57 32.45
CA ARG A 3 29.37 -0.79 31.23
C ARG A 3 29.53 -1.64 29.96
N PHE A 4 30.57 -2.47 29.94
CA PHE A 4 30.82 -3.37 28.81
C PHE A 4 29.61 -4.28 28.62
N LEU A 5 29.07 -4.78 29.74
CA LEU A 5 27.89 -5.62 29.73
C LEU A 5 26.63 -4.85 29.31
N LEU A 6 26.47 -3.64 29.85
CA LEU A 6 25.36 -2.75 29.49
C LEU A 6 25.38 -2.45 28.00
N GLY A 7 26.56 -2.10 27.50
CA GLY A 7 26.75 -1.81 26.09
C GLY A 7 26.49 -3.06 25.26
N LEU A 8 26.82 -4.21 25.84
CA LEU A 8 26.59 -5.50 25.21
C LEU A 8 25.09 -5.75 25.08
N VAL A 9 24.33 -5.36 26.11
CA VAL A 9 22.88 -5.52 26.08
C VAL A 9 22.24 -4.68 24.97
N LEU A 10 22.54 -3.39 24.94
CA LEU A 10 22.02 -2.49 23.91
C LEU A 10 22.43 -2.91 22.49
N LEU A 11 23.68 -3.33 22.35
CA LEU A 11 24.16 -3.76 21.04
C LEU A 11 23.36 -4.94 20.52
N LEU A 12 23.12 -5.92 21.39
CA LEU A 12 22.28 -7.05 21.04
C LEU A 12 20.82 -6.63 20.89
N ALA A 13 20.38 -5.67 21.70
CA ALA A 13 19.00 -5.19 21.63
C ALA A 13 18.72 -4.55 20.28
N VAL A 14 19.61 -3.68 19.84
CA VAL A 14 19.48 -3.01 18.55
C VAL A 14 19.59 -4.01 17.41
N ALA A 15 20.50 -4.97 17.55
CA ALA A 15 20.73 -5.96 16.50
C ALA A 15 19.54 -6.89 16.36
N ALA A 16 19.03 -7.38 17.50
CA ALA A 16 17.84 -8.24 17.48
C ALA A 16 16.65 -7.52 16.88
N GLY A 17 16.49 -6.24 17.22
CA GLY A 17 15.40 -5.46 16.67
C GLY A 17 15.55 -5.21 15.19
N VAL A 18 16.73 -4.77 14.79
CA VAL A 18 17.03 -4.54 13.38
C VAL A 18 17.00 -5.81 12.53
N LEU A 19 17.66 -6.86 13.00
CA LEU A 19 17.78 -8.07 12.20
C LEU A 19 16.54 -8.95 12.21
N TYR A 20 15.80 -8.94 13.31
CA TYR A 20 14.65 -9.84 13.42
C TYR A 20 13.29 -9.17 13.53
N PHE A 21 13.13 -8.24 14.47
CA PHE A 21 11.80 -7.71 14.74
C PHE A 21 11.27 -6.74 13.69
N VAL A 22 12.10 -5.81 13.22
CA VAL A 22 11.64 -4.83 12.25
C VAL A 22 11.20 -5.45 10.90
N PRO A 23 11.99 -6.39 10.34
CA PRO A 23 11.50 -7.06 9.11
C PRO A 23 10.16 -7.78 9.27
N ALA A 24 9.98 -8.49 10.37
CA ALA A 24 8.76 -9.25 10.60
C ALA A 24 7.55 -8.32 10.68
N THR A 25 7.68 -7.20 11.40
CA THR A 25 6.56 -6.26 11.52
C THR A 25 6.31 -5.59 10.16
N LEU A 26 7.37 -5.38 9.41
CA LEU A 26 7.25 -4.83 8.06
C LEU A 26 6.35 -5.74 7.21
N LEU A 27 6.63 -7.04 7.22
CA LEU A 27 5.84 -7.98 6.43
C LEU A 27 4.40 -8.00 6.94
N ALA A 28 4.23 -7.96 8.26
CA ALA A 28 2.89 -7.98 8.84
C ALA A 28 2.10 -6.74 8.43
N SER A 29 2.78 -5.61 8.32
CA SER A 29 2.12 -4.35 7.94
CA SER A 29 2.12 -4.35 7.94
C SER A 29 1.69 -4.40 6.49
N VAL A 30 2.60 -4.83 5.61
CA VAL A 30 2.27 -4.93 4.20
C VAL A 30 1.13 -5.96 3.95
N ARG A 31 1.15 -7.07 4.67
CA ARG A 31 0.06 -8.06 4.58
C ARG A 31 -1.24 -7.42 5.03
N THR A 32 -1.18 -6.68 6.13
CA THR A 32 -2.36 -6.00 6.65
C THR A 32 -2.94 -5.07 5.59
N VAL A 33 -2.07 -4.33 4.90
CA VAL A 33 -2.55 -3.41 3.88
C VAL A 33 -3.16 -4.14 2.68
N GLU A 34 -2.40 -5.06 2.10
CA GLU A 34 -2.83 -5.71 0.88
C GLU A 34 -4.03 -6.64 1.12
N ARG A 35 -4.04 -7.38 2.23
CA ARG A 35 -5.20 -8.20 2.56
C ARG A 35 -6.43 -7.32 2.84
N GLY A 36 -6.22 -6.23 3.58
CA GLY A 36 -7.31 -5.34 3.92
C GLY A 36 -7.94 -4.71 2.67
N LEU A 37 -7.09 -4.29 1.74
CA LEU A 37 -7.60 -3.72 0.49
C LEU A 37 -8.39 -4.75 -0.32
N ALA A 38 -8.04 -6.02 -0.18
CA ALA A 38 -8.72 -7.07 -0.93
C ALA A 38 -9.94 -7.59 -0.20
N GLY A 39 -10.11 -7.16 1.05
CA GLY A 39 -11.19 -7.67 1.86
C GLY A 39 -10.97 -9.12 2.32
N LEU A 40 -9.71 -9.52 2.49
CA LEU A 40 -9.37 -10.89 2.90
C LEU A 40 -8.84 -10.93 4.34
N SER A 41 -9.23 -11.95 5.09
CA SER A 41 -8.67 -12.16 6.42
C SER A 41 -8.21 -13.61 6.55
N GLU A 42 -7.29 -13.84 7.49
CA GLU A 42 -6.63 -15.14 7.63
C GLU A 42 -7.29 -16.07 8.66
N HIS A 43 -7.39 -17.35 8.32
CA HIS A 43 -7.91 -18.36 9.19
C HIS A 43 -7.05 -19.60 9.05
N SER A 44 -7.35 -20.63 9.84
CA SER A 44 -6.67 -21.91 9.73
CA SER A 44 -6.71 -21.91 9.65
C SER A 44 -7.67 -23.03 9.99
N VAL A 45 -7.44 -24.20 9.38
CA VAL A 45 -8.26 -25.36 9.67
C VAL A 45 -7.37 -26.60 9.55
N GLN A 46 -7.63 -27.57 10.42
CA GLN A 46 -6.91 -28.84 10.40
C GLN A 46 -7.55 -29.80 9.41
N VAL A 47 -6.74 -30.29 8.46
CA VAL A 47 -7.19 -31.21 7.44
C VAL A 47 -6.24 -32.40 7.44
N ASP A 48 -6.77 -33.59 7.75
CA ASP A 48 -5.95 -34.79 7.98
C ASP A 48 -4.80 -34.45 8.94
N ASN A 49 -5.15 -33.70 9.98
CA ASN A 49 -4.21 -33.30 11.03
C ASN A 49 -3.11 -32.38 10.53
N LEU A 50 -3.26 -31.81 9.34
CA LEU A 50 -2.34 -30.75 8.94
C LEU A 50 -3.02 -29.40 9.11
N GLU A 51 -2.29 -28.44 9.65
CA GLU A 51 -2.83 -27.09 9.73
C GLU A 51 -2.72 -26.41 8.38
N ILE A 52 -3.85 -26.02 7.84
CA ILE A 52 -3.85 -25.31 6.57
C ILE A 52 -4.28 -23.88 6.79
N ALA A 53 -3.36 -22.94 6.52
CA ALA A 53 -3.67 -21.52 6.62
C ALA A 53 -4.38 -21.07 5.35
N TYR A 54 -5.33 -20.16 5.48
CA TYR A 54 -6.01 -19.66 4.30
C TYR A 54 -6.54 -18.26 4.50
N LEU A 55 -6.77 -17.58 3.39
CA LEU A 55 -7.44 -16.29 3.40
C LEU A 55 -8.85 -16.48 2.93
N GLU A 56 -9.75 -15.66 3.46
CA GLU A 56 -11.15 -15.72 3.06
C GLU A 56 -11.77 -14.31 3.01
N GLY A 57 -12.67 -14.08 2.04
CA GLY A 57 -13.34 -12.78 1.93
C GLY A 57 -14.61 -12.91 1.12
N GLY A 58 -15.41 -11.85 1.10
CA GLY A 58 -16.66 -11.86 0.36
C GLY A 58 -17.75 -12.55 1.14
N SER A 59 -18.96 -12.56 0.60
CA SER A 59 -20.09 -13.18 1.29
C SER A 59 -20.21 -14.65 1.00
N GLU A 60 -20.45 -15.44 2.06
CA GLU A 60 -20.66 -16.88 1.91
C GLU A 60 -21.92 -17.24 1.13
N LYS A 61 -22.77 -16.25 0.87
CA LYS A 61 -23.95 -16.46 0.04
C LYS A 61 -23.60 -16.48 -1.46
N ASN A 62 -22.40 -16.01 -1.78
CA ASN A 62 -21.98 -15.93 -3.17
C ASN A 62 -21.15 -17.15 -3.58
N PRO A 63 -21.01 -17.40 -4.88
CA PRO A 63 -20.26 -18.59 -5.29
C PRO A 63 -18.81 -18.51 -4.81
N THR A 64 -18.25 -19.66 -4.48
CA THR A 64 -16.88 -19.73 -3.97
C THR A 64 -15.88 -19.84 -5.10
N LEU A 65 -14.85 -19.00 -5.03
CA LEU A 65 -13.66 -19.13 -5.87
C LEU A 65 -12.52 -19.60 -4.99
N LEU A 66 -11.93 -20.75 -5.32
CA LEU A 66 -10.80 -21.26 -4.54
C LEU A 66 -9.53 -21.11 -5.37
N LEU A 67 -8.56 -20.37 -4.82
CA LEU A 67 -7.36 -19.99 -5.55
C LEU A 67 -6.15 -20.75 -5.02
N ILE A 68 -5.39 -21.35 -5.92
CA ILE A 68 -4.29 -22.23 -5.50
C ILE A 68 -2.96 -21.76 -6.08
N HIS A 69 -2.05 -21.34 -5.19
CA HIS A 69 -0.75 -20.81 -5.60
C HIS A 69 0.19 -21.89 -6.17
N GLY A 70 1.33 -21.45 -6.70
CA GLY A 70 2.27 -22.37 -7.30
C GLY A 70 3.45 -22.71 -6.42
N PHE A 71 4.46 -23.34 -7.01
CA PHE A 71 5.61 -23.83 -6.27
C PHE A 71 6.37 -22.69 -5.58
N GLY A 72 6.65 -22.87 -4.30
CA GLY A 72 7.44 -21.90 -3.56
C GLY A 72 6.68 -20.64 -3.20
N ALA A 73 5.44 -20.53 -3.67
CA ALA A 73 4.60 -19.36 -3.42
C ALA A 73 3.67 -19.57 -2.22
N ASP A 74 2.68 -18.69 -2.06
CA ASP A 74 1.72 -18.83 -0.97
C ASP A 74 0.44 -18.04 -1.31
N LYS A 75 -0.50 -18.03 -0.37
CA LYS A 75 -1.81 -17.44 -0.61
C LYS A 75 -1.72 -15.94 -0.88
N ASP A 76 -0.67 -15.28 -0.39
CA ASP A 76 -0.55 -13.82 -0.64
C ASP A 76 -0.23 -13.49 -2.10
N ASN A 77 0.12 -14.47 -2.93
CA ASN A 77 0.22 -14.25 -4.38
C ASN A 77 -1.08 -13.70 -4.99
N TRP A 78 -2.21 -13.96 -4.33
CA TRP A 78 -3.52 -13.69 -4.90
C TRP A 78 -4.18 -12.37 -4.49
N LEU A 79 -3.54 -11.59 -3.63
CA LEU A 79 -4.24 -10.45 -2.98
C LEU A 79 -4.82 -9.42 -3.94
N ARG A 80 -3.99 -8.93 -4.85
CA ARG A 80 -4.44 -7.85 -5.73
C ARG A 80 -5.43 -8.36 -6.76
N PHE A 81 -5.25 -9.61 -7.15
CA PHE A 81 -6.15 -10.29 -8.08
C PHE A 81 -7.53 -10.46 -7.45
N ALA A 82 -7.55 -10.77 -6.17
CA ALA A 82 -8.78 -11.08 -5.44
C ALA A 82 -9.58 -9.83 -5.11
N ARG A 83 -8.90 -8.69 -5.06
CA ARG A 83 -9.55 -7.44 -4.66
CA ARG A 83 -9.54 -7.44 -4.67
C ARG A 83 -10.84 -7.15 -5.46
N PRO A 84 -10.79 -7.21 -6.81
CA PRO A 84 -12.10 -6.92 -7.47
C PRO A 84 -13.09 -8.08 -7.40
N LEU A 85 -12.67 -9.25 -6.93
CA LEU A 85 -13.51 -10.43 -6.90
C LEU A 85 -14.34 -10.59 -5.63
N THR A 86 -13.87 -10.04 -4.51
CA THR A 86 -14.54 -10.28 -3.23
C THR A 86 -15.88 -9.53 -3.12
N GLU A 87 -16.14 -8.60 -4.02
CA GLU A 87 -17.44 -7.91 -4.06
C GLU A 87 -18.55 -8.86 -4.47
N ARG A 88 -18.23 -9.76 -5.39
CA ARG A 88 -19.25 -10.63 -6.01
C ARG A 88 -19.07 -12.11 -5.67
N TYR A 89 -17.92 -12.46 -5.10
CA TYR A 89 -17.61 -13.88 -4.82
C TYR A 89 -17.13 -14.09 -3.41
N HIS A 90 -17.30 -15.33 -2.96
CA HIS A 90 -16.69 -15.80 -1.74
C HIS A 90 -15.33 -16.32 -2.10
N VAL A 91 -14.29 -15.56 -1.80
CA VAL A 91 -12.95 -15.90 -2.28
C VAL A 91 -12.16 -16.60 -1.18
N VAL A 92 -11.55 -17.73 -1.54
CA VAL A 92 -10.71 -18.48 -0.60
C VAL A 92 -9.35 -18.75 -1.27
N ALA A 93 -8.27 -18.43 -0.56
CA ALA A 93 -6.94 -18.75 -1.05
C ALA A 93 -6.16 -19.47 0.05
N LEU A 94 -5.80 -20.74 -0.16
CA LEU A 94 -5.08 -21.51 0.87
C LEU A 94 -3.57 -21.53 0.64
N ASP A 95 -2.82 -21.75 1.73
CA ASP A 95 -1.44 -22.19 1.65
C ASP A 95 -1.45 -23.70 1.53
N LEU A 96 -0.94 -24.23 0.43
CA LEU A 96 -0.81 -25.69 0.33
C LEU A 96 0.12 -26.21 1.43
N PRO A 97 -0.19 -27.38 2.01
CA PRO A 97 0.77 -28.08 2.85
C PRO A 97 2.14 -28.10 2.17
N GLY A 98 3.19 -27.85 2.97
CA GLY A 98 4.54 -27.69 2.44
C GLY A 98 4.95 -26.24 2.22
N PHE A 99 3.97 -25.32 2.20
CA PHE A 99 4.22 -23.91 1.82
C PHE A 99 3.55 -22.91 2.76
N GLY A 100 3.97 -21.65 2.65
CA GLY A 100 3.34 -20.56 3.40
C GLY A 100 3.30 -20.82 4.90
N ASP A 101 2.14 -20.63 5.52
CA ASP A 101 2.02 -20.84 6.96
C ASP A 101 1.36 -22.17 7.30
N SER A 102 1.20 -23.05 6.31
CA SER A 102 0.58 -24.35 6.54
C SER A 102 1.60 -25.36 7.08
N SER A 103 1.13 -26.48 7.62
CA SER A 103 2.03 -27.53 8.11
C SER A 103 2.96 -28.03 7.01
N LYS A 104 4.17 -28.40 7.39
CA LYS A 104 5.17 -28.93 6.47
C LYS A 104 5.81 -30.23 7.00
N PRO A 105 5.01 -31.30 7.12
CA PRO A 105 5.55 -32.58 7.62
C PRO A 105 6.71 -33.07 6.75
N GLN A 106 7.82 -33.44 7.37
CA GLN A 106 9.02 -33.79 6.65
C GLN A 106 8.88 -35.05 5.80
N GLN A 107 8.04 -35.98 6.24
CA GLN A 107 7.95 -37.28 5.57
C GLN A 107 6.71 -37.43 4.68
N ALA A 108 6.01 -36.34 4.41
CA ALA A 108 4.80 -36.44 3.62
C ALA A 108 5.11 -36.47 2.12
N SER A 109 4.12 -36.87 1.33
CA SER A 109 4.21 -36.73 -0.11
C SER A 109 3.66 -35.37 -0.54
N TYR A 110 4.35 -34.71 -1.46
CA TYR A 110 3.92 -33.42 -1.93
C TYR A 110 3.70 -33.42 -3.44
N ASP A 111 3.53 -34.61 -4.01
CA ASP A 111 3.14 -34.72 -5.42
C ASP A 111 1.77 -34.08 -5.64
N VAL A 112 1.49 -33.68 -6.88
CA VAL A 112 0.28 -32.90 -7.15
C VAL A 112 -0.99 -33.74 -6.97
N GLY A 113 -0.86 -35.06 -7.11
CA GLY A 113 -1.99 -35.95 -6.90
C GLY A 113 -2.44 -35.99 -5.45
N THR A 114 -1.49 -36.19 -4.54
CA THR A 114 -1.76 -36.12 -3.11
C THR A 114 -2.26 -34.71 -2.73
N GLN A 115 -1.63 -33.68 -3.27
CA GLN A 115 -2.05 -32.31 -2.96
C GLN A 115 -3.50 -32.04 -3.42
N ALA A 116 -3.88 -32.56 -4.59
CA ALA A 116 -5.25 -32.34 -5.09
C ALA A 116 -6.28 -32.97 -4.14
N GLU A 117 -5.96 -34.11 -3.53
CA GLU A 117 -6.87 -34.70 -2.56
C GLU A 117 -6.95 -33.86 -1.27
N ARG A 118 -5.83 -33.30 -0.83
CA ARG A 118 -5.84 -32.42 0.33
C ARG A 118 -6.72 -31.19 0.08
N VAL A 119 -6.67 -30.65 -1.14
CA VAL A 119 -7.46 -29.45 -1.46
C VAL A 119 -8.95 -29.78 -1.43
N ALA A 120 -9.31 -30.95 -1.96
CA ALA A 120 -10.70 -31.39 -1.90
C ALA A 120 -11.15 -31.60 -0.46
N ASN A 121 -10.30 -32.22 0.35
CA ASN A 121 -10.61 -32.39 1.78
C ASN A 121 -10.72 -31.03 2.49
N PHE A 122 -9.89 -30.08 2.07
CA PHE A 122 -9.95 -28.72 2.61
C PHE A 122 -11.28 -28.03 2.27
N ALA A 123 -11.73 -28.16 1.03
CA ALA A 123 -13.00 -27.56 0.65
C ALA A 123 -14.12 -28.11 1.53
N ALA A 124 -14.14 -29.43 1.74
CA ALA A 124 -15.14 -30.03 2.63
C ALA A 124 -15.00 -29.49 4.05
N ALA A 125 -13.76 -29.29 4.49
CA ALA A 125 -13.51 -28.85 5.85
C ALA A 125 -14.04 -27.44 6.11
N ILE A 126 -14.08 -26.59 5.10
CA ILE A 126 -14.64 -25.25 5.30
C ILE A 126 -16.07 -25.16 4.78
N GLY A 127 -16.65 -26.31 4.43
CA GLY A 127 -18.06 -26.39 4.14
C GLY A 127 -18.45 -25.93 2.75
N VAL A 128 -17.53 -26.07 1.80
CA VAL A 128 -17.80 -25.71 0.42
C VAL A 128 -17.96 -26.97 -0.41
N ARG A 129 -19.09 -27.10 -1.11
CA ARG A 129 -19.44 -28.32 -1.84
C ARG A 129 -19.34 -28.14 -3.35
N ARG A 130 -19.55 -26.92 -3.82
CA ARG A 130 -19.43 -26.59 -5.22
C ARG A 130 -18.63 -25.31 -5.33
N LEU A 131 -17.67 -25.28 -6.25
CA LEU A 131 -16.77 -24.13 -6.31
C LEU A 131 -16.14 -23.95 -7.66
N HIS A 132 -15.67 -22.72 -7.90
CA HIS A 132 -14.80 -22.44 -9.03
C HIS A 132 -13.38 -22.61 -8.55
N LEU A 133 -12.53 -23.20 -9.38
CA LEU A 133 -11.13 -23.40 -9.06
C LEU A 133 -10.27 -22.52 -9.95
N ALA A 134 -9.24 -21.92 -9.39
CA ALA A 134 -8.20 -21.28 -10.19
C ALA A 134 -6.83 -21.64 -9.60
N GLY A 135 -5.88 -21.99 -10.46
CA GLY A 135 -4.57 -22.36 -9.97
C GLY A 135 -3.48 -21.85 -10.87
N ASN A 136 -2.38 -21.40 -10.26
CA ASN A 136 -1.22 -20.96 -11.01
C ASN A 136 -0.07 -21.99 -10.93
N SER A 137 0.49 -22.32 -12.09
CA SER A 137 1.65 -23.19 -12.16
CA SER A 137 1.64 -23.21 -12.19
C SER A 137 1.43 -24.55 -11.47
N MET A 138 2.23 -24.86 -10.46
CA MET A 138 2.03 -26.10 -9.71
C MET A 138 0.58 -26.20 -9.16
N GLY A 139 0.03 -25.07 -8.73
CA GLY A 139 -1.35 -25.03 -8.25
C GLY A 139 -2.38 -25.27 -9.36
N GLY A 140 -2.03 -24.89 -10.58
CA GLY A 140 -2.89 -25.19 -11.72
C GLY A 140 -2.85 -26.68 -12.04
N HIS A 141 -1.67 -27.28 -11.90
CA HIS A 141 -1.50 -28.71 -12.11
C HIS A 141 -2.43 -29.46 -11.14
N ILE A 142 -2.39 -29.04 -9.88
CA ILE A 142 -3.25 -29.56 -8.82
C ILE A 142 -4.75 -29.31 -9.07
N ALA A 143 -5.09 -28.10 -9.48
CA ALA A 143 -6.49 -27.74 -9.76
C ALA A 143 -7.06 -28.60 -10.89
N ALA A 144 -6.26 -28.83 -11.92
CA ALA A 144 -6.74 -29.65 -13.04
C ALA A 144 -7.08 -31.07 -12.56
N LEU A 145 -6.26 -31.63 -11.68
CA LEU A 145 -6.51 -32.99 -11.19
C LEU A 145 -7.77 -33.05 -10.31
N TYR A 146 -7.95 -32.03 -9.49
CA TYR A 146 -9.17 -31.91 -8.69
C TYR A 146 -10.39 -31.93 -9.62
N ALA A 147 -10.37 -31.10 -10.66
CA ALA A 147 -11.47 -31.02 -11.60
C ALA A 147 -11.71 -32.34 -12.34
N ALA A 148 -10.65 -33.08 -12.61
CA ALA A 148 -10.78 -34.35 -13.34
C ALA A 148 -11.30 -35.44 -12.42
N ARG A 149 -10.94 -35.35 -11.14
CA ARG A 149 -11.29 -36.37 -10.17
C ARG A 149 -12.64 -36.14 -9.50
N HIS A 150 -13.05 -34.89 -9.37
CA HIS A 150 -14.29 -34.58 -8.68
C HIS A 150 -15.17 -33.65 -9.49
N PRO A 151 -15.64 -34.14 -10.65
CA PRO A 151 -16.36 -33.24 -11.57
C PRO A 151 -17.66 -32.69 -10.97
N GLU A 152 -18.26 -33.43 -10.03
CA GLU A 152 -19.51 -32.98 -9.43
C GLU A 152 -19.34 -31.70 -8.60
N GLN A 153 -18.11 -31.42 -8.17
CA GLN A 153 -17.88 -30.28 -7.28
C GLN A 153 -17.45 -29.01 -8.01
N VAL A 154 -16.95 -29.14 -9.24
CA VAL A 154 -16.25 -28.03 -9.86
C VAL A 154 -17.08 -27.32 -10.92
N LEU A 155 -17.40 -26.06 -10.64
CA LEU A 155 -18.24 -25.25 -11.52
C LEU A 155 -17.46 -24.66 -12.68
N SER A 156 -16.19 -24.34 -12.46
CA SER A 156 -15.32 -23.88 -13.54
C SER A 156 -13.88 -24.02 -13.09
N LEU A 157 -12.98 -24.01 -14.06
CA LEU A 157 -11.55 -24.21 -13.80
C LEU A 157 -10.76 -23.16 -14.57
N ALA A 158 -9.84 -22.50 -13.89
CA ALA A 158 -8.96 -21.55 -14.55
C ALA A 158 -7.53 -22.01 -14.32
N LEU A 159 -6.85 -22.29 -15.41
CA LEU A 159 -5.47 -22.75 -15.38
C LEU A 159 -4.62 -21.57 -15.79
N ILE A 160 -3.92 -21.00 -14.83
CA ILE A 160 -3.13 -19.81 -15.09
C ILE A 160 -1.67 -20.20 -15.18
N ASP A 161 -1.16 -20.36 -16.39
CA ASP A 161 0.22 -20.83 -16.59
C ASP A 161 0.47 -22.09 -15.77
N ASN A 162 -0.37 -23.10 -15.94
CA ASN A 162 -0.29 -24.33 -15.15
C ASN A 162 0.84 -25.25 -15.60
N ALA A 163 1.39 -26.01 -14.66
CA ALA A 163 2.28 -27.12 -14.98
C ALA A 163 1.44 -28.33 -15.37
N GLY A 164 2.07 -29.36 -15.93
CA GLY A 164 1.37 -30.61 -16.19
C GLY A 164 1.30 -31.12 -17.62
N VAL A 165 1.74 -30.31 -18.58
CA VAL A 165 1.86 -30.82 -19.94
C VAL A 165 3.26 -30.62 -20.49
N MET A 166 3.56 -31.35 -21.56
CA MET A 166 4.85 -31.26 -22.25
CA MET A 166 4.84 -31.23 -22.24
C MET A 166 4.64 -30.66 -23.64
N PRO A 167 4.85 -29.34 -23.79
CA PRO A 167 4.62 -28.60 -25.02
C PRO A 167 5.78 -28.67 -26.00
N ALA A 168 5.57 -28.13 -27.20
CA ALA A 168 6.53 -28.20 -28.28
C ALA A 168 7.82 -27.44 -27.97
N ARG A 169 7.70 -26.27 -27.35
CA ARG A 169 8.86 -25.47 -27.01
C ARG A 169 9.31 -25.72 -25.56
N LYS A 170 10.60 -25.96 -25.37
CA LYS A 170 11.18 -26.18 -24.06
C LYS A 170 11.36 -24.84 -23.36
N SER A 171 10.80 -24.69 -22.16
CA SER A 171 10.91 -23.43 -21.44
C SER A 171 12.32 -23.20 -20.91
N GLU A 172 12.62 -21.96 -20.54
CA GLU A 172 13.92 -21.59 -20.01
C GLU A 172 14.17 -22.33 -18.69
N LEU A 173 13.10 -22.60 -17.92
CA LEU A 173 13.24 -23.42 -16.71
C LEU A 173 13.73 -24.81 -17.06
N PHE A 174 13.08 -25.45 -18.02
CA PHE A 174 13.45 -26.81 -18.35
C PHE A 174 14.84 -26.85 -18.97
N GLU A 175 15.24 -25.80 -19.68
CA GLU A 175 16.61 -25.77 -20.18
CA GLU A 175 16.62 -25.67 -20.18
C GLU A 175 17.62 -25.60 -19.03
N ASP A 176 17.27 -24.76 -18.05
CA ASP A 176 18.10 -24.56 -16.87
C ASP A 176 18.29 -25.88 -16.13
N LEU A 177 17.21 -26.65 -16.02
CA LEU A 177 17.22 -27.90 -15.26
C LEU A 177 18.22 -28.90 -15.84
N GLU A 178 18.43 -28.84 -17.15
CA GLU A 178 19.38 -29.77 -17.77
C GLU A 178 20.81 -29.49 -17.35
N ARG A 179 21.06 -28.30 -16.83
CA ARG A 179 22.40 -27.95 -16.36
C ARG A 179 22.45 -27.83 -14.85
N GLY A 180 21.41 -28.32 -14.17
CA GLY A 180 21.39 -28.32 -12.72
C GLY A 180 21.10 -26.95 -12.12
N GLU A 181 20.40 -26.11 -12.88
CA GLU A 181 20.05 -24.79 -12.39
C GLU A 181 18.54 -24.71 -12.23
N ASN A 182 18.10 -24.14 -11.11
CA ASN A 182 16.68 -23.97 -10.82
C ASN A 182 16.48 -22.62 -10.15
N PRO A 183 16.05 -21.62 -10.93
CA PRO A 183 15.81 -20.29 -10.37
C PRO A 183 14.70 -20.28 -9.33
N LEU A 184 13.87 -21.32 -9.29
CA LEU A 184 12.73 -21.34 -8.37
C LEU A 184 13.15 -21.71 -6.95
N VAL A 185 14.38 -22.23 -6.80
CA VAL A 185 14.92 -22.55 -5.49
C VAL A 185 16.03 -21.55 -5.19
N VAL A 186 15.79 -20.68 -4.21
CA VAL A 186 16.67 -19.56 -3.91
C VAL A 186 17.67 -19.93 -2.83
N ARG A 187 18.90 -20.25 -3.24
CA ARG A 187 19.94 -20.72 -2.31
C ARG A 187 20.67 -19.60 -1.58
N GLN A 188 20.87 -18.49 -2.29
CA GLN A 188 21.59 -17.34 -1.79
C GLN A 188 20.74 -16.09 -1.92
N PRO A 189 20.96 -15.10 -1.03
CA PRO A 189 20.09 -13.91 -0.99
C PRO A 189 20.05 -13.17 -2.33
N GLU A 190 21.14 -13.22 -3.11
CA GLU A 190 21.17 -12.51 -4.40
C GLU A 190 20.33 -13.25 -5.45
N ASP A 191 20.00 -14.52 -5.18
CA ASP A 191 19.23 -15.30 -6.15
C ASP A 191 17.75 -14.95 -6.08
N PHE A 192 17.36 -14.18 -5.07
CA PHE A 192 15.94 -13.83 -4.97
C PHE A 192 15.58 -12.81 -6.05
N GLN A 193 16.43 -11.81 -6.26
CA GLN A 193 16.18 -10.85 -7.35
C GLN A 193 16.18 -11.59 -8.68
N LYS A 194 17.01 -12.64 -8.78
CA LYS A 194 17.07 -13.45 -9.98
C LYS A 194 15.73 -14.17 -10.22
N LEU A 195 15.12 -14.64 -9.15
CA LEU A 195 13.82 -15.30 -9.23
C LEU A 195 12.74 -14.33 -9.74
N LEU A 196 12.72 -13.13 -9.17
CA LEU A 196 11.78 -12.10 -9.63
C LEU A 196 11.95 -11.78 -11.11
N ASP A 197 13.21 -11.64 -11.56
CA ASP A 197 13.51 -11.37 -12.97
C ASP A 197 13.04 -12.53 -13.85
N PHE A 198 13.04 -13.73 -13.28
CA PHE A 198 12.70 -14.94 -14.02
C PHE A 198 11.19 -15.08 -14.28
N VAL A 199 10.37 -14.56 -13.36
CA VAL A 199 8.92 -14.78 -13.48
C VAL A 199 8.15 -13.52 -13.88
N PHE A 200 8.79 -12.35 -13.81
CA PHE A 200 8.15 -11.08 -14.21
C PHE A 200 8.76 -10.47 -15.47
N VAL A 201 7.90 -9.97 -16.36
CA VAL A 201 8.39 -9.09 -17.40
C VAL A 201 8.53 -7.68 -16.82
N GLN A 202 7.45 -7.13 -16.28
CA GLN A 202 7.52 -5.86 -15.58
C GLN A 202 7.24 -6.14 -14.12
N GLN A 203 8.27 -6.05 -13.29
CA GLN A 203 8.12 -6.41 -11.90
C GLN A 203 7.41 -5.28 -11.16
N PRO A 204 6.39 -5.63 -10.36
CA PRO A 204 5.79 -4.59 -9.52
C PRO A 204 6.82 -4.04 -8.52
N PRO A 205 6.72 -2.73 -8.19
CA PRO A 205 7.59 -2.06 -7.23
C PRO A 205 7.59 -2.79 -5.89
N LEU A 206 8.77 -3.00 -5.33
CA LEU A 206 8.98 -3.70 -4.08
C LEU A 206 9.98 -2.92 -3.25
N PRO A 207 9.57 -2.42 -2.07
CA PRO A 207 10.50 -1.67 -1.21
C PRO A 207 11.72 -2.53 -0.83
N ALA A 208 12.92 -1.96 -0.90
CA ALA A 208 14.17 -2.68 -0.64
C ALA A 208 14.20 -3.46 0.68
N PRO A 209 13.77 -2.84 1.81
CA PRO A 209 13.77 -3.62 3.03
C PRO A 209 12.84 -4.85 2.96
N LEU A 210 11.66 -4.69 2.35
CA LEU A 210 10.74 -5.81 2.23
C LEU A 210 11.34 -6.90 1.33
N LYS A 211 11.97 -6.48 0.24
CA LYS A 211 12.58 -7.42 -0.69
C LYS A 211 13.65 -8.28 -0.01
N ARG A 212 14.52 -7.67 0.77
CA ARG A 212 15.58 -8.41 1.46
C ARG A 212 15.03 -9.46 2.41
N TYR A 213 13.96 -9.13 3.14
CA TYR A 213 13.36 -10.09 4.07
C TYR A 213 12.71 -11.23 3.30
N LEU A 214 12.01 -10.91 2.22
CA LEU A 214 11.41 -11.96 1.39
C LEU A 214 12.51 -12.91 0.88
N GLY A 215 13.64 -12.32 0.49
CA GLY A 215 14.79 -13.10 0.03
C GLY A 215 15.37 -13.97 1.14
N GLU A 216 15.43 -13.42 2.35
CA GLU A 216 15.89 -14.19 3.50
C GLU A 216 14.96 -15.37 3.77
N ARG A 217 13.66 -15.10 3.74
CA ARG A 217 12.67 -16.16 3.94
C ARG A 217 12.77 -17.25 2.87
N ALA A 218 13.02 -16.85 1.62
CA ALA A 218 13.16 -17.80 0.52
C ALA A 218 14.39 -18.69 0.70
N VAL A 219 15.50 -18.10 1.14
CA VAL A 219 16.70 -18.87 1.41
C VAL A 219 16.43 -19.90 2.52
N ALA A 220 15.77 -19.47 3.59
CA ALA A 220 15.49 -20.36 4.71
C ALA A 220 14.60 -21.53 4.27
N ALA A 221 13.74 -21.31 3.28
CA ALA A 221 12.83 -22.35 2.81
C ALA A 221 13.44 -23.23 1.71
N SER A 222 14.64 -22.89 1.24
CA SER A 222 15.15 -23.45 -0.01
C SER A 222 15.44 -24.96 0.07
N ALA A 223 15.99 -25.43 1.17
CA ALA A 223 16.30 -26.86 1.30
C ALA A 223 15.03 -27.72 1.20
N PHE A 224 14.01 -27.35 1.97
CA PHE A 224 12.73 -28.05 1.91
C PHE A 224 12.05 -27.87 0.54
N ASN A 225 12.12 -26.66 -0.01
CA ASN A 225 11.54 -26.45 -1.34
C ASN A 225 12.22 -27.35 -2.37
N ALA A 226 13.54 -27.50 -2.28
CA ALA A 226 14.27 -28.33 -3.22
C ALA A 226 13.83 -29.78 -3.15
N GLN A 227 13.53 -30.24 -1.94
CA GLN A 227 13.07 -31.62 -1.72
C GLN A 227 11.68 -31.82 -2.34
N ILE A 228 10.80 -30.86 -2.13
CA ILE A 228 9.48 -30.91 -2.76
C ILE A 228 9.62 -30.89 -4.27
N PHE A 229 10.50 -30.03 -4.79
CA PHE A 229 10.68 -29.92 -6.24
C PHE A 229 11.12 -31.28 -6.82
N GLU A 230 11.94 -32.00 -6.07
CA GLU A 230 12.40 -33.31 -6.51
C GLU A 230 11.26 -34.31 -6.57
N GLN A 231 10.35 -34.24 -5.60
CA GLN A 231 9.12 -35.04 -5.65
C GLN A 231 8.26 -34.69 -6.86
N LEU A 232 8.18 -33.40 -7.20
CA LEU A 232 7.36 -32.99 -8.33
C LEU A 232 7.96 -33.58 -9.62
N ARG A 233 9.28 -33.73 -9.65
CA ARG A 233 9.94 -34.36 -10.79
C ARG A 233 9.74 -35.87 -10.81
N GLN A 234 9.98 -36.52 -9.67
CA GLN A 234 9.96 -37.98 -9.59
C GLN A 234 8.54 -38.54 -9.58
N ARG A 235 7.59 -37.75 -9.08
CA ARG A 235 6.21 -38.21 -8.94
C ARG A 235 5.30 -37.39 -9.85
N TYR A 236 5.85 -37.01 -11.00
CA TYR A 236 5.15 -36.19 -11.97
C TYR A 236 3.92 -36.91 -12.52
N ILE A 237 2.79 -36.21 -12.59
CA ILE A 237 1.59 -36.77 -13.18
C ILE A 237 1.20 -36.01 -14.45
N PRO A 238 1.33 -36.65 -15.61
CA PRO A 238 0.96 -35.99 -16.87
C PRO A 238 -0.52 -35.62 -16.90
N LEU A 239 -0.84 -34.42 -17.34
CA LEU A 239 -2.23 -34.00 -17.47
C LEU A 239 -2.91 -34.46 -18.76
N GLU A 240 -2.11 -34.73 -19.79
CA GLU A 240 -2.66 -35.05 -21.11
C GLU A 240 -3.73 -36.17 -21.06
N PRO A 241 -3.50 -37.25 -20.29
CA PRO A 241 -4.57 -38.25 -20.21
C PRO A 241 -5.76 -37.85 -19.31
N GLU A 242 -5.61 -36.78 -18.52
CA GLU A 242 -6.64 -36.42 -17.53
C GLU A 242 -7.59 -35.32 -18.02
N LEU A 243 -7.07 -34.38 -18.80
CA LEU A 243 -7.88 -33.26 -19.27
C LEU A 243 -9.21 -33.64 -19.94
N PRO A 244 -9.23 -34.73 -20.76
CA PRO A 244 -10.54 -35.07 -21.36
C PRO A 244 -11.60 -35.49 -20.34
N LYS A 245 -11.21 -35.80 -19.11
CA LYS A 245 -12.18 -36.18 -18.06
C LYS A 245 -12.86 -34.95 -17.44
N ILE A 246 -12.29 -33.77 -17.67
CA ILE A 246 -12.83 -32.56 -17.07
C ILE A 246 -14.14 -32.16 -17.75
N GLU A 247 -15.19 -31.97 -16.94
CA GLU A 247 -16.50 -31.57 -17.45
C GLU A 247 -16.70 -30.05 -17.38
N ALA A 248 -15.96 -29.40 -16.48
CA ALA A 248 -16.14 -27.97 -16.23
C ALA A 248 -15.62 -27.11 -17.38
N PRO A 249 -16.24 -25.95 -17.61
CA PRO A 249 -15.62 -24.96 -18.49
C PRO A 249 -14.23 -24.63 -17.96
N THR A 250 -13.23 -24.58 -18.83
CA THR A 250 -11.86 -24.42 -18.41
C THR A 250 -11.20 -23.25 -19.13
N LEU A 251 -10.73 -22.29 -18.34
CA LEU A 251 -10.01 -21.15 -18.87
C LEU A 251 -8.52 -21.47 -18.90
N LEU A 252 -7.91 -21.30 -20.06
CA LEU A 252 -6.46 -21.40 -20.21
C LEU A 252 -5.93 -19.98 -20.33
N LEU A 253 -5.20 -19.50 -19.32
CA LEU A 253 -4.69 -18.13 -19.37
C LEU A 253 -3.17 -18.13 -19.20
N TRP A 254 -2.48 -17.41 -20.09
CA TRP A 254 -1.02 -17.40 -20.10
C TRP A 254 -0.46 -16.00 -20.22
N GLY A 255 0.72 -15.77 -19.65
CA GLY A 255 1.55 -14.65 -20.02
C GLY A 255 2.37 -15.10 -21.22
N ASP A 256 2.35 -14.34 -22.32
CA ASP A 256 3.00 -14.81 -23.54
C ASP A 256 4.50 -15.05 -23.36
N ARG A 257 5.14 -14.30 -22.47
CA ARG A 257 6.60 -14.40 -22.32
C ARG A 257 7.01 -15.19 -21.07
N ASP A 258 6.10 -16.05 -20.60
CA ASP A 258 6.35 -16.98 -19.49
C ASP A 258 7.62 -17.78 -19.80
N ARG A 259 8.63 -17.64 -18.94
CA ARG A 259 9.91 -18.33 -19.11
CA ARG A 259 9.90 -18.35 -19.15
C ARG A 259 9.93 -19.66 -18.37
N VAL A 260 9.01 -19.79 -17.43
CA VAL A 260 8.96 -20.97 -16.56
C VAL A 260 8.24 -22.14 -17.23
N LEU A 261 7.06 -21.87 -17.77
CA LEU A 261 6.26 -22.86 -18.47
C LEU A 261 5.78 -22.24 -19.78
N ASP A 262 5.96 -22.94 -20.89
CA ASP A 262 5.85 -22.28 -22.18
C ASP A 262 4.41 -22.11 -22.65
N VAL A 263 4.14 -20.97 -23.29
CA VAL A 263 2.80 -20.67 -23.80
C VAL A 263 2.29 -21.71 -24.79
N SER A 264 3.19 -22.45 -25.43
CA SER A 264 2.78 -23.51 -26.35
C SER A 264 2.06 -24.65 -25.61
N SER A 265 2.08 -24.63 -24.29
CA SER A 265 1.25 -25.53 -23.48
C SER A 265 -0.23 -25.47 -23.87
N ILE A 266 -0.69 -24.30 -24.29
CA ILE A 266 -2.11 -24.11 -24.62
C ILE A 266 -2.52 -24.97 -25.82
N GLU A 267 -1.62 -25.12 -26.79
CA GLU A 267 -1.91 -25.93 -27.97
C GLU A 267 -2.02 -27.42 -27.62
N VAL A 268 -1.33 -27.84 -26.56
CA VAL A 268 -1.48 -29.22 -26.10
C VAL A 268 -2.85 -29.41 -25.45
N MET A 269 -3.25 -28.45 -24.63
CA MET A 269 -4.44 -28.62 -23.79
C MET A 269 -5.76 -28.36 -24.49
N ARG A 270 -5.76 -27.39 -25.39
CA ARG A 270 -6.98 -26.96 -26.05
C ARG A 270 -7.78 -28.12 -26.71
N PRO A 271 -7.13 -28.93 -27.59
CA PRO A 271 -7.84 -30.06 -28.20
C PRO A 271 -8.34 -31.12 -27.21
N LEU A 272 -7.74 -31.14 -26.02
CA LEU A 272 -8.03 -32.20 -25.05
C LEU A 272 -9.16 -31.83 -24.10
N LEU A 273 -9.58 -30.56 -24.13
CA LEU A 273 -10.62 -30.08 -23.22
C LEU A 273 -11.98 -29.97 -23.90
N LYS A 274 -13.03 -30.37 -23.19
CA LYS A 274 -14.39 -30.29 -23.73
C LYS A 274 -14.82 -28.85 -23.93
N ARG A 275 -14.52 -28.00 -22.96
CA ARG A 275 -14.97 -26.60 -22.97
C ARG A 275 -13.88 -25.60 -22.64
N PRO A 276 -12.91 -25.43 -23.56
CA PRO A 276 -11.80 -24.52 -23.29
C PRO A 276 -12.11 -23.08 -23.67
N SER A 277 -11.67 -22.13 -22.84
CA SER A 277 -11.55 -20.73 -23.22
C SER A 277 -10.06 -20.39 -23.18
N VAL A 278 -9.66 -19.38 -23.93
CA VAL A 278 -8.24 -19.03 -23.98
C VAL A 278 -8.03 -17.54 -23.78
N VAL A 279 -7.08 -17.18 -22.93
CA VAL A 279 -6.58 -15.82 -22.86
C VAL A 279 -5.04 -15.83 -22.86
N ILE A 280 -4.43 -15.13 -23.81
CA ILE A 280 -2.99 -14.93 -23.76
C ILE A 280 -2.72 -13.45 -23.59
N MET A 281 -2.12 -13.09 -22.46
CA MET A 281 -1.81 -11.70 -22.18
C MET A 281 -0.45 -11.33 -22.74
N GLU A 282 -0.38 -10.16 -23.37
CA GLU A 282 0.82 -9.74 -24.10
C GLU A 282 1.87 -9.12 -23.18
N ASN A 283 3.14 -9.41 -23.46
CA ASN A 283 4.28 -8.88 -22.69
C ASN A 283 4.13 -9.12 -21.21
N CYS A 284 3.76 -10.36 -20.87
CA CYS A 284 3.52 -10.75 -19.50
C CYS A 284 4.23 -12.05 -19.17
N GLY A 285 4.61 -12.22 -17.91
CA GLY A 285 5.37 -13.40 -17.54
C GLY A 285 4.52 -14.51 -16.96
N HIS A 286 5.16 -15.30 -16.09
CA HIS A 286 4.61 -16.52 -15.51
C HIS A 286 3.49 -16.33 -14.49
N VAL A 287 3.39 -15.14 -13.89
CA VAL A 287 2.38 -14.96 -12.85
C VAL A 287 1.52 -13.72 -13.16
N PRO A 288 0.68 -13.80 -14.22
CA PRO A 288 -0.15 -12.67 -14.64
C PRO A 288 -0.99 -12.08 -13.50
N MET A 289 -1.49 -12.94 -12.62
CA MET A 289 -2.34 -12.47 -11.52
C MET A 289 -1.56 -11.63 -10.52
N VAL A 290 -0.23 -11.72 -10.55
CA VAL A 290 0.61 -10.84 -9.71
C VAL A 290 1.14 -9.65 -10.53
N GLU A 291 1.61 -9.91 -11.76
CA GLU A 291 2.21 -8.87 -12.59
C GLU A 291 1.19 -7.80 -13.02
N ARG A 292 0.03 -8.27 -13.47
CA ARG A 292 -1.04 -7.39 -13.93
C ARG A 292 -2.36 -7.91 -13.36
N PRO A 293 -2.57 -7.67 -12.05
CA PRO A 293 -3.65 -8.33 -11.30
C PRO A 293 -5.05 -7.92 -11.76
N GLU A 294 -5.31 -6.63 -11.91
CA GLU A 294 -6.67 -6.17 -12.24
C GLU A 294 -7.02 -6.60 -13.66
N GLU A 295 -6.03 -6.56 -14.54
CA GLU A 295 -6.22 -7.02 -15.91
C GLU A 295 -6.54 -8.53 -15.98
N THR A 296 -5.77 -9.33 -15.24
CA THR A 296 -5.99 -10.75 -15.19
C THR A 296 -7.36 -11.08 -14.56
N ALA A 297 -7.71 -10.36 -13.50
CA ALA A 297 -9.00 -10.55 -12.82
C ALA A 297 -10.17 -10.19 -13.73
N GLN A 298 -9.96 -9.20 -14.59
CA GLN A 298 -11.01 -8.78 -15.51
CA GLN A 298 -11.00 -8.77 -15.51
C GLN A 298 -11.27 -9.84 -16.58
N HIS A 299 -10.19 -10.45 -17.11
CA HIS A 299 -10.34 -11.57 -18.06
C HIS A 299 -11.07 -12.73 -17.36
N TYR A 300 -10.68 -13.01 -16.12
CA TYR A 300 -11.30 -14.08 -15.35
C TYR A 300 -12.78 -13.79 -15.06
N GLN A 301 -13.10 -12.55 -14.66
CA GLN A 301 -14.51 -12.16 -14.45
CA GLN A 301 -14.51 -12.19 -14.46
C GLN A 301 -15.33 -12.34 -15.74
N ALA A 302 -14.71 -12.01 -16.87
CA ALA A 302 -15.40 -12.13 -18.14
C ALA A 302 -15.72 -13.60 -18.41
N PHE A 303 -14.72 -14.44 -18.19
CA PHE A 303 -14.87 -15.89 -18.33
C PHE A 303 -15.99 -16.39 -17.42
N LEU A 304 -15.96 -16.02 -16.14
CA LEU A 304 -17.01 -16.44 -15.19
C LEU A 304 -18.40 -15.98 -15.60
N ASP A 305 -18.48 -14.77 -16.14
CA ASP A 305 -19.77 -14.24 -16.61
C ASP A 305 -20.32 -15.15 -17.69
N GLY A 306 -19.48 -15.56 -18.63
CA GLY A 306 -19.91 -16.49 -19.66
C GLY A 306 -20.37 -17.81 -19.06
N VAL A 307 -19.59 -18.36 -18.13
CA VAL A 307 -19.97 -19.62 -17.49
C VAL A 307 -21.34 -19.53 -16.80
N ARG A 308 -21.59 -18.43 -16.10
CA ARG A 308 -22.86 -18.22 -15.41
C ARG A 308 -24.01 -17.89 -16.36
N ASN A 309 -23.73 -17.08 -17.38
CA ASN A 309 -24.81 -16.45 -18.15
C ASN A 309 -25.46 -17.24 -19.24
N ALA A 310 -25.15 -18.53 -19.32
CA ALA A 310 -25.66 -19.31 -20.42
C ALA A 310 -25.54 -20.79 -20.14
N LYS B 2 29.82 -17.97 33.70
CA LYS B 2 30.02 -17.32 32.42
C LYS B 2 28.81 -17.54 31.53
N ARG B 3 28.31 -18.77 31.54
CA ARG B 3 27.13 -19.13 30.77
C ARG B 3 25.89 -18.46 31.37
N PHE B 4 25.79 -18.47 32.70
CA PHE B 4 24.66 -17.84 33.38
C PHE B 4 24.59 -16.35 33.06
N LEU B 5 25.73 -15.68 33.06
CA LEU B 5 25.80 -14.26 32.75
C LEU B 5 25.45 -13.99 31.30
N LEU B 6 25.95 -14.85 30.41
CA LEU B 6 25.61 -14.73 28.99
C LEU B 6 24.10 -14.81 28.78
N GLY B 7 23.48 -15.80 29.40
CA GLY B 7 22.04 -15.97 29.29
C GLY B 7 21.30 -14.79 29.89
N LEU B 8 21.87 -14.23 30.96
CA LEU B 8 21.28 -13.06 31.59
C LEU B 8 21.37 -11.84 30.68
N VAL B 9 22.50 -11.71 29.99
CA VAL B 9 22.72 -10.62 29.06
C VAL B 9 21.70 -10.67 27.92
N LEU B 10 21.58 -11.84 27.29
CA LEU B 10 20.63 -12.05 26.21
C LEU B 10 19.20 -11.80 26.67
N LEU B 11 18.88 -12.29 27.87
CA LEU B 11 17.54 -12.15 28.42
C LEU B 11 17.18 -10.67 28.63
N LEU B 12 18.08 -9.87 29.17
CA LEU B 12 17.83 -8.42 29.25
C LEU B 12 17.83 -7.77 27.87
N ALA B 13 18.65 -8.27 26.96
CA ALA B 13 18.74 -7.70 25.61
C ALA B 13 17.39 -7.77 24.90
N VAL B 14 16.75 -8.93 24.96
CA VAL B 14 15.44 -9.08 24.33
C VAL B 14 14.45 -8.18 25.05
N ALA B 15 14.61 -8.03 26.36
CA ALA B 15 13.69 -7.20 27.13
C ALA B 15 13.87 -5.73 26.76
N ALA B 16 15.13 -5.28 26.73
CA ALA B 16 15.41 -3.91 26.31
C ALA B 16 14.93 -3.67 24.88
N GLY B 17 15.12 -4.67 24.02
CA GLY B 17 14.73 -4.61 22.62
C GLY B 17 13.22 -4.49 22.47
N VAL B 18 12.49 -5.27 23.26
CA VAL B 18 11.04 -5.18 23.30
C VAL B 18 10.61 -3.80 23.74
N LEU B 19 11.29 -3.25 24.74
CA LEU B 19 10.89 -1.98 25.34
C LEU B 19 11.12 -0.80 24.40
N TYR B 20 11.97 -0.99 23.39
CA TYR B 20 12.20 0.10 22.43
C TYR B 20 11.57 -0.21 21.09
N PHE B 21 11.86 -1.38 20.54
CA PHE B 21 11.41 -1.69 19.19
C PHE B 21 9.91 -1.95 19.12
N VAL B 22 9.38 -2.69 20.09
CA VAL B 22 7.95 -2.99 20.05
C VAL B 22 7.07 -1.73 20.11
N PRO B 23 7.35 -0.78 21.03
CA PRO B 23 6.55 0.45 20.89
C PRO B 23 6.81 1.21 19.58
N ALA B 24 8.08 1.36 19.21
CA ALA B 24 8.46 2.15 18.03
C ALA B 24 7.99 1.58 16.70
N THR B 25 8.17 0.28 16.48
CA THR B 25 7.74 -0.32 15.21
C THR B 25 6.24 -0.40 15.15
N LEU B 26 5.61 -0.67 16.29
CA LEU B 26 4.16 -0.70 16.37
C LEU B 26 3.59 0.65 15.91
N LEU B 27 4.16 1.74 16.42
CA LEU B 27 3.69 3.06 15.99
C LEU B 27 4.00 3.27 14.50
N ALA B 28 5.19 2.87 14.06
CA ALA B 28 5.60 2.98 12.66
C ALA B 28 4.74 2.11 11.73
N SER B 29 4.25 0.98 12.23
CA SER B 29 3.36 0.10 11.47
C SER B 29 1.99 0.71 11.26
N VAL B 30 1.49 1.42 12.26
CA VAL B 30 0.23 2.13 12.11
C VAL B 30 0.36 3.10 10.96
N ARG B 31 1.52 3.75 10.89
CA ARG B 31 1.81 4.69 9.82
C ARG B 31 1.84 4.00 8.47
N THR B 32 2.55 2.87 8.39
CA THR B 32 2.63 2.10 7.15
C THR B 32 1.27 1.62 6.66
N VAL B 33 0.45 1.16 7.58
CA VAL B 33 -0.89 0.68 7.25
C VAL B 33 -1.78 1.83 6.75
N GLU B 34 -1.79 2.95 7.47
CA GLU B 34 -2.63 4.08 7.03
C GLU B 34 -2.18 4.62 5.69
N ARG B 35 -0.86 4.70 5.48
CA ARG B 35 -0.37 5.14 4.17
C ARG B 35 -0.76 4.16 3.08
N GLY B 36 -0.57 2.87 3.37
CA GLY B 36 -0.87 1.83 2.41
C GLY B 36 -2.32 1.74 2.03
N LEU B 37 -3.21 1.87 3.01
CA LEU B 37 -4.64 1.86 2.71
C LEU B 37 -5.04 3.02 1.79
N ALA B 38 -4.28 4.11 1.85
CA ALA B 38 -4.55 5.31 1.04
C ALA B 38 -3.88 5.20 -0.32
N GLY B 39 -3.10 4.13 -0.50
CA GLY B 39 -2.32 3.90 -1.69
C GLY B 39 -1.10 4.81 -1.80
N LEU B 40 -0.58 5.24 -0.66
CA LEU B 40 0.56 6.16 -0.65
C LEU B 40 1.83 5.47 -0.18
N SER B 41 2.95 5.77 -0.81
CA SER B 41 4.24 5.24 -0.35
C SER B 41 5.23 6.39 -0.21
N GLU B 42 6.27 6.19 0.60
CA GLU B 42 7.18 7.27 0.92
C GLU B 42 8.40 7.28 0.00
N HIS B 43 8.81 8.48 -0.40
CA HIS B 43 10.01 8.67 -1.19
C HIS B 43 10.73 9.91 -0.67
N SER B 44 11.91 10.18 -1.22
CA SER B 44 12.57 11.45 -0.98
C SER B 44 13.26 11.92 -2.24
N VAL B 45 13.48 13.22 -2.33
CA VAL B 45 14.17 13.79 -3.49
C VAL B 45 15.03 14.97 -3.04
N GLN B 46 16.17 15.16 -3.68
CA GLN B 46 17.04 16.30 -3.39
C GLN B 46 16.61 17.52 -4.15
N VAL B 47 16.33 18.59 -3.40
CA VAL B 47 15.91 19.84 -4.00
C VAL B 47 16.71 21.00 -3.38
N ASP B 48 17.47 21.71 -4.19
CA ASP B 48 18.31 22.81 -3.71
C ASP B 48 19.19 22.37 -2.53
N ASN B 49 19.75 21.16 -2.64
CA ASN B 49 20.61 20.58 -1.61
C ASN B 49 19.89 20.28 -0.28
N LEU B 50 18.57 20.27 -0.33
CA LEU B 50 17.71 19.79 0.76
C LEU B 50 17.05 18.46 0.44
N GLU B 51 16.90 17.60 1.44
CA GLU B 51 16.13 16.36 1.26
CA GLU B 51 16.13 16.36 1.25
C GLU B 51 14.66 16.61 1.58
N ILE B 52 13.80 16.39 0.59
CA ILE B 52 12.37 16.59 0.78
C ILE B 52 11.69 15.23 0.76
N ALA B 53 11.10 14.85 1.89
CA ALA B 53 10.37 13.59 1.97
C ALA B 53 8.95 13.80 1.45
N TYR B 54 8.41 12.80 0.78
CA TYR B 54 7.04 12.92 0.30
C TYR B 54 6.39 11.57 0.14
N LEU B 55 5.07 11.61 0.11
CA LEU B 55 4.23 10.47 -0.18
C LEU B 55 3.72 10.61 -1.60
N GLU B 56 3.55 9.48 -2.27
CA GLU B 56 3.07 9.46 -3.64
C GLU B 56 2.18 8.24 -3.88
N GLY B 57 1.15 8.44 -4.70
CA GLY B 57 0.25 7.34 -5.04
C GLY B 57 -0.49 7.67 -6.32
N GLY B 58 -1.18 6.68 -6.87
CA GLY B 58 -1.92 6.85 -8.10
C GLY B 58 -1.01 6.71 -9.30
N SER B 59 -1.59 6.75 -10.49
CA SER B 59 -0.78 6.58 -11.70
C SER B 59 -0.21 7.93 -12.14
N GLU B 60 1.07 7.95 -12.49
CA GLU B 60 1.73 9.16 -12.97
C GLU B 60 1.13 9.63 -14.29
N LYS B 61 0.30 8.79 -14.91
CA LYS B 61 -0.39 9.17 -16.12
C LYS B 61 -1.61 10.03 -15.84
N ASN B 62 -2.01 10.11 -14.57
CA ASN B 62 -3.19 10.90 -14.18
C ASN B 62 -2.79 12.29 -13.68
N PRO B 63 -3.73 13.25 -13.64
CA PRO B 63 -3.35 14.60 -13.20
C PRO B 63 -2.80 14.59 -11.76
N THR B 64 -1.84 15.46 -11.50
CA THR B 64 -1.19 15.52 -10.20
C THR B 64 -1.91 16.45 -9.24
N LEU B 65 -2.20 15.97 -8.03
CA LEU B 65 -2.66 16.82 -6.94
C LEU B 65 -1.50 16.94 -5.97
N LEU B 66 -1.06 18.15 -5.69
CA LEU B 66 0.03 18.31 -4.72
C LEU B 66 -0.55 18.92 -3.46
N LEU B 67 -0.39 18.21 -2.34
CA LEU B 67 -1.02 18.56 -1.07
C LEU B 67 0.02 19.12 -0.10
N ILE B 68 -0.27 20.26 0.51
CA ILE B 68 0.72 20.94 1.33
C ILE B 68 0.19 21.18 2.74
N HIS B 69 0.83 20.54 3.71
CA HIS B 69 0.39 20.62 5.11
C HIS B 69 0.68 22.00 5.74
N GLY B 70 0.18 22.19 6.96
CA GLY B 70 0.34 23.46 7.65
C GLY B 70 1.42 23.47 8.73
N PHE B 71 1.41 24.54 9.53
CA PHE B 71 2.46 24.74 10.54
C PHE B 71 2.50 23.62 11.57
N GLY B 72 3.70 23.06 11.79
CA GLY B 72 3.89 22.03 12.80
C GLY B 72 3.37 20.66 12.38
N ALA B 73 2.73 20.59 11.22
CA ALA B 73 2.15 19.32 10.75
C ALA B 73 3.10 18.60 9.80
N ASP B 74 2.59 17.61 9.07
CA ASP B 74 3.41 16.89 8.10
C ASP B 74 2.55 16.20 7.05
N LYS B 75 3.19 15.47 6.14
CA LYS B 75 2.50 14.87 4.99
C LYS B 75 1.43 13.85 5.41
N ASP B 76 1.57 13.27 6.59
CA ASP B 76 0.60 12.28 7.09
C ASP B 76 -0.72 12.91 7.51
N ASN B 77 -0.78 14.24 7.56
CA ASN B 77 -2.06 14.92 7.73
C ASN B 77 -3.07 14.55 6.63
N TRP B 78 -2.56 14.12 5.48
CA TRP B 78 -3.39 13.94 4.29
C TRP B 78 -3.86 12.50 4.01
N LEU B 79 -3.50 11.53 4.85
CA LEU B 79 -3.69 10.13 4.45
C LEU B 79 -5.15 9.74 4.13
N ARG B 80 -6.08 10.00 5.04
CA ARG B 80 -7.45 9.55 4.82
C ARG B 80 -8.14 10.37 3.74
N PHE B 81 -7.75 11.64 3.64
CA PHE B 81 -8.26 12.55 2.61
C PHE B 81 -7.84 12.06 1.23
N ALA B 82 -6.61 11.57 1.13
CA ALA B 82 -6.02 11.19 -0.15
C ALA B 82 -6.54 9.86 -0.66
N ARG B 83 -7.05 9.04 0.25
CA ARG B 83 -7.44 7.69 -0.12
C ARG B 83 -8.46 7.63 -1.27
N PRO B 84 -9.54 8.42 -1.23
CA PRO B 84 -10.42 8.30 -2.41
C PRO B 84 -9.85 8.97 -3.66
N LEU B 85 -8.78 9.72 -3.51
CA LEU B 85 -8.23 10.49 -4.62
C LEU B 85 -7.23 9.71 -5.47
N THR B 86 -6.58 8.72 -4.86
CA THR B 86 -5.49 8.04 -5.56
C THR B 86 -6.01 7.13 -6.66
N GLU B 87 -7.32 6.94 -6.70
CA GLU B 87 -7.96 6.17 -7.76
C GLU B 87 -7.89 6.91 -9.10
N ARG B 88 -8.07 8.22 -9.06
CA ARG B 88 -8.18 9.01 -10.28
C ARG B 88 -7.04 10.01 -10.47
N TYR B 89 -6.24 10.22 -9.43
CA TYR B 89 -5.20 11.24 -9.50
C TYR B 89 -3.86 10.70 -9.09
N HIS B 90 -2.83 11.39 -9.55
CA HIS B 90 -1.48 11.21 -9.09
C HIS B 90 -1.33 12.10 -7.87
N VAL B 91 -1.35 11.51 -6.68
CA VAL B 91 -1.39 12.30 -5.44
C VAL B 91 0.03 12.37 -4.87
N VAL B 92 0.46 13.59 -4.55
CA VAL B 92 1.75 13.83 -3.91
C VAL B 92 1.54 14.69 -2.67
N ALA B 93 2.10 14.28 -1.53
CA ALA B 93 2.04 15.09 -0.31
C ALA B 93 3.44 15.20 0.24
N LEU B 94 4.00 16.41 0.28
CA LEU B 94 5.36 16.56 0.77
C LEU B 94 5.44 16.99 2.24
N ASP B 95 6.56 16.67 2.86
CA ASP B 95 6.98 17.35 4.07
C ASP B 95 7.72 18.63 3.68
N LEU B 96 7.19 19.78 4.07
CA LEU B 96 7.93 21.02 3.84
C LEU B 96 9.24 20.96 4.60
N PRO B 97 10.31 21.48 3.98
CA PRO B 97 11.57 21.70 4.71
C PRO B 97 11.26 22.40 6.05
N GLY B 98 11.91 21.95 7.11
CA GLY B 98 11.61 22.42 8.44
C GLY B 98 10.67 21.52 9.22
N PHE B 99 10.00 20.60 8.51
CA PHE B 99 8.94 19.77 9.10
C PHE B 99 9.04 18.30 8.69
N GLY B 100 8.31 17.44 9.40
CA GLY B 100 8.24 16.02 9.06
C GLY B 100 9.60 15.37 8.97
N ASP B 101 9.84 14.65 7.87
CA ASP B 101 11.14 13.98 7.67
C ASP B 101 12.04 14.73 6.68
N SER B 102 11.69 15.96 6.31
CA SER B 102 12.52 16.71 5.37
C SER B 102 13.68 17.38 6.09
N SER B 103 14.66 17.88 5.34
CA SER B 103 15.81 18.56 5.95
C SER B 103 15.35 19.76 6.78
N LYS B 104 16.08 20.04 7.86
CA LYS B 104 15.77 21.20 8.67
C LYS B 104 17.03 22.03 8.98
N PRO B 105 17.64 22.66 7.97
CA PRO B 105 18.83 23.50 8.24
C PRO B 105 18.49 24.59 9.26
N GLN B 106 19.32 24.72 10.28
CA GLN B 106 19.06 25.60 11.41
C GLN B 106 19.05 27.08 11.06
N GLN B 107 19.85 27.48 10.06
CA GLN B 107 19.96 28.89 9.72
C GLN B 107 19.16 29.28 8.48
N ALA B 108 18.29 28.40 8.01
CA ALA B 108 17.56 28.66 6.77
C ALA B 108 16.34 29.55 6.99
N SER B 109 15.79 30.07 5.88
CA SER B 109 14.53 30.79 5.92
C SER B 109 13.38 29.82 5.76
N TYR B 110 12.32 30.00 6.54
CA TYR B 110 11.13 29.16 6.43
C TYR B 110 9.88 30.00 6.25
N ASP B 111 10.06 31.24 5.83
CA ASP B 111 8.95 32.11 5.46
C ASP B 111 8.18 31.53 4.28
N VAL B 112 6.94 31.95 4.09
CA VAL B 112 6.09 31.31 3.09
C VAL B 112 6.53 31.63 1.67
N GLY B 113 7.19 32.77 1.49
CA GLY B 113 7.70 33.17 0.19
C GLY B 113 8.80 32.24 -0.29
N THR B 114 9.77 31.95 0.58
CA THR B 114 10.77 30.93 0.31
C THR B 114 10.18 29.52 0.13
N GLN B 115 9.23 29.13 0.99
CA GLN B 115 8.66 27.79 0.92
C GLN B 115 7.92 27.58 -0.41
N ALA B 116 7.26 28.63 -0.88
CA ALA B 116 6.50 28.54 -2.14
C ALA B 116 7.43 28.26 -3.30
N GLU B 117 8.61 28.85 -3.29
CA GLU B 117 9.60 28.60 -4.33
C GLU B 117 10.19 27.20 -4.17
N ARG B 118 10.40 26.76 -2.93
CA ARG B 118 10.86 25.37 -2.75
C ARG B 118 9.83 24.36 -3.28
N VAL B 119 8.53 24.63 -3.08
CA VAL B 119 7.50 23.71 -3.54
C VAL B 119 7.49 23.64 -5.06
N ALA B 120 7.66 24.79 -5.71
CA ALA B 120 7.74 24.81 -7.16
C ALA B 120 8.96 24.04 -7.65
N ASN B 121 10.10 24.23 -6.98
CA ASN B 121 11.30 23.47 -7.35
C ASN B 121 11.11 21.97 -7.08
N PHE B 122 10.37 21.64 -6.02
CA PHE B 122 10.07 20.24 -5.74
C PHE B 122 9.24 19.63 -6.87
N ALA B 123 8.24 20.34 -7.36
CA ALA B 123 7.43 19.83 -8.46
C ALA B 123 8.28 19.57 -9.70
N ALA B 124 9.18 20.51 -10.02
CA ALA B 124 10.07 20.31 -11.15
C ALA B 124 10.99 19.10 -10.95
N ALA B 125 11.49 18.91 -9.74
CA ALA B 125 12.43 17.82 -9.44
C ALA B 125 11.79 16.43 -9.52
N ILE B 126 10.49 16.32 -9.30
CA ILE B 126 9.84 15.02 -9.45
C ILE B 126 9.14 14.92 -10.81
N GLY B 127 9.43 15.85 -11.71
CA GLY B 127 9.00 15.73 -13.10
C GLY B 127 7.57 16.12 -13.39
N VAL B 128 7.02 16.99 -12.56
CA VAL B 128 5.65 17.47 -12.71
C VAL B 128 5.64 18.92 -13.20
N ARG B 129 4.96 19.20 -14.32
CA ARG B 129 5.01 20.53 -14.94
C ARG B 129 3.69 21.29 -14.79
N ARG B 130 2.61 20.54 -14.66
CA ARG B 130 1.27 21.10 -14.46
C ARG B 130 0.62 20.34 -13.32
N LEU B 131 -0.02 21.04 -12.38
CA LEU B 131 -0.57 20.35 -11.22
C LEU B 131 -1.69 21.13 -10.57
N HIS B 132 -2.53 20.40 -9.83
CA HIS B 132 -3.49 21.02 -8.94
C HIS B 132 -2.85 21.18 -7.56
N LEU B 133 -3.09 22.31 -6.90
CA LEU B 133 -2.54 22.57 -5.57
C LEU B 133 -3.63 22.56 -4.52
N ALA B 134 -3.34 21.98 -3.36
CA ALA B 134 -4.19 22.10 -2.20
C ALA B 134 -3.34 22.30 -0.96
N GLY B 135 -3.70 23.26 -0.13
CA GLY B 135 -2.92 23.54 1.07
C GLY B 135 -3.82 23.90 2.24
N ASN B 136 -3.42 23.44 3.41
CA ASN B 136 -4.10 23.77 4.66
C ASN B 136 -3.29 24.77 5.47
N SER B 137 -3.97 25.82 5.94
CA SER B 137 -3.37 26.81 6.84
CA SER B 137 -3.38 26.84 6.82
C SER B 137 -2.11 27.45 6.25
N MET B 138 -0.99 27.31 6.94
CA MET B 138 0.29 27.80 6.40
C MET B 138 0.56 27.25 4.98
N GLY B 139 0.22 25.97 4.78
CA GLY B 139 0.38 25.34 3.48
C GLY B 139 -0.53 25.97 2.42
N GLY B 140 -1.69 26.47 2.83
CA GLY B 140 -2.57 27.19 1.90
C GLY B 140 -2.00 28.56 1.53
N HIS B 141 -1.39 29.23 2.51
CA HIS B 141 -0.71 30.49 2.27
C HIS B 141 0.37 30.26 1.22
N ILE B 142 1.13 29.19 1.41
CA ILE B 142 2.17 28.82 0.47
C ILE B 142 1.63 28.46 -0.93
N ALA B 143 0.56 27.66 -0.96
CA ALA B 143 -0.04 27.26 -2.23
C ALA B 143 -0.55 28.46 -3.01
N ALA B 144 -1.17 29.41 -2.33
CA ALA B 144 -1.69 30.60 -3.01
C ALA B 144 -0.56 31.40 -3.68
N LEU B 145 0.59 31.50 -3.02
CA LEU B 145 1.71 32.25 -3.60
C LEU B 145 2.27 31.54 -4.84
N TYR B 146 2.36 30.21 -4.77
CA TYR B 146 2.76 29.41 -5.92
C TYR B 146 1.79 29.71 -7.08
N ALA B 147 0.48 29.64 -6.81
CA ALA B 147 -0.51 29.89 -7.86
C ALA B 147 -0.40 31.30 -8.43
N ALA B 148 -0.06 32.28 -7.58
CA ALA B 148 0.04 33.66 -8.06
C ALA B 148 1.32 33.88 -8.83
N ARG B 149 2.40 33.19 -8.45
CA ARG B 149 3.70 33.43 -9.06
C ARG B 149 3.95 32.59 -10.30
N HIS B 150 3.34 31.41 -10.38
CA HIS B 150 3.60 30.54 -11.52
C HIS B 150 2.29 30.05 -12.10
N PRO B 151 1.49 30.98 -12.65
CA PRO B 151 0.13 30.62 -13.10
C PRO B 151 0.14 29.59 -14.21
N GLU B 152 1.22 29.52 -14.99
CA GLU B 152 1.29 28.58 -16.10
C GLU B 152 1.34 27.13 -15.59
N GLN B 153 1.72 26.93 -14.34
CA GLN B 153 1.87 25.57 -13.81
C GLN B 153 0.62 25.09 -13.08
N VAL B 154 -0.25 26.00 -12.67
CA VAL B 154 -1.29 25.60 -11.72
C VAL B 154 -2.67 25.43 -12.37
N LEU B 155 -3.18 24.19 -12.32
CA LEU B 155 -4.46 23.86 -12.94
C LEU B 155 -5.65 24.25 -12.05
N SER B 156 -5.47 24.15 -10.75
CA SER B 156 -6.50 24.60 -9.81
C SER B 156 -5.84 24.77 -8.46
N LEU B 157 -6.53 25.48 -7.57
CA LEU B 157 -6.01 25.79 -6.25
C LEU B 157 -7.10 25.54 -5.21
N ALA B 158 -6.77 24.84 -4.14
CA ALA B 158 -7.72 24.66 -3.04
C ALA B 158 -7.09 25.18 -1.76
N LEU B 159 -7.74 26.15 -1.17
CA LEU B 159 -7.29 26.77 0.06
C LEU B 159 -8.17 26.25 1.17
N ILE B 160 -7.59 25.38 1.99
CA ILE B 160 -8.33 24.73 3.06
C ILE B 160 -7.95 25.43 4.38
N ASP B 161 -8.80 26.35 4.81
CA ASP B 161 -8.52 27.16 5.99
C ASP B 161 -7.13 27.77 5.91
N ASN B 162 -6.84 28.48 4.83
CA ASN B 162 -5.48 29.05 4.61
C ASN B 162 -5.17 30.28 5.46
N ALA B 163 -3.90 30.46 5.80
CA ALA B 163 -3.40 31.72 6.34
C ALA B 163 -3.15 32.70 5.19
N GLY B 164 -2.91 33.97 5.52
CA GLY B 164 -2.51 34.93 4.49
C GLY B 164 -3.40 36.13 4.23
N VAL B 165 -4.59 36.18 4.82
CA VAL B 165 -5.41 37.38 4.76
C VAL B 165 -5.78 37.83 6.15
N MET B 166 -6.21 39.08 6.28
CA MET B 166 -6.63 39.65 7.55
CA MET B 166 -6.65 39.58 7.56
C MET B 166 -8.12 39.96 7.50
N PRO B 167 -8.96 39.10 8.07
CA PRO B 167 -10.42 39.26 7.97
C PRO B 167 -10.93 40.23 9.00
N ALA B 168 -12.21 40.55 8.89
CA ALA B 168 -12.84 41.54 9.76
C ALA B 168 -12.85 41.06 11.20
N ARG B 169 -13.08 39.78 11.37
CA ARG B 169 -13.15 39.20 12.72
C ARG B 169 -11.82 38.60 13.15
N LYS B 170 -11.41 38.95 14.36
CA LYS B 170 -10.17 38.43 14.93
C LYS B 170 -10.37 36.99 15.43
N SER B 171 -9.55 36.07 14.94
CA SER B 171 -9.65 34.67 15.36
C SER B 171 -9.17 34.51 16.79
N GLU B 172 -9.46 33.35 17.38
CA GLU B 172 -9.03 33.07 18.74
C GLU B 172 -7.50 33.02 18.85
N LEU B 173 -6.85 32.51 17.81
CA LEU B 173 -5.38 32.45 17.77
C LEU B 173 -4.77 33.84 17.85
N PHE B 174 -5.26 34.75 17.02
CA PHE B 174 -4.66 36.09 16.96
C PHE B 174 -4.91 36.83 18.27
N GLU B 175 -6.03 36.51 18.93
CA GLU B 175 -6.28 37.05 20.26
C GLU B 175 -5.28 36.47 21.26
N ASP B 176 -5.00 35.16 21.15
CA ASP B 176 -4.01 34.54 22.03
C ASP B 176 -2.63 35.14 21.83
N LEU B 177 -2.27 35.39 20.57
CA LEU B 177 -0.92 35.87 20.25
C LEU B 177 -0.59 37.24 20.86
N GLU B 178 -1.57 38.12 20.95
CA GLU B 178 -1.33 39.44 21.54
C GLU B 178 -1.14 39.32 23.06
N ARG B 179 -1.47 38.16 23.62
CA ARG B 179 -1.27 37.92 25.04
C ARG B 179 -0.07 37.00 25.28
N GLY B 180 0.71 36.77 24.23
CA GLY B 180 1.92 35.96 24.32
C GLY B 180 1.65 34.47 24.45
N GLU B 181 0.48 34.04 23.98
CA GLU B 181 0.14 32.63 24.03
C GLU B 181 -0.03 32.03 22.63
N ASN B 182 0.52 30.84 22.44
CA ASN B 182 0.45 30.15 21.17
C ASN B 182 0.23 28.64 21.32
N PRO B 183 -1.02 28.19 21.19
CA PRO B 183 -1.39 26.76 21.30
C PRO B 183 -0.73 25.89 20.23
N LEU B 184 -0.27 26.49 19.13
CA LEU B 184 0.32 25.72 18.04
C LEU B 184 1.75 25.31 18.35
N VAL B 185 2.33 25.93 19.38
CA VAL B 185 3.66 25.57 19.83
C VAL B 185 3.55 24.91 21.20
N VAL B 186 3.83 23.61 21.21
CA VAL B 186 3.58 22.78 22.39
C VAL B 186 4.85 22.70 23.23
N ARG B 187 4.91 23.48 24.31
CA ARG B 187 6.10 23.57 25.15
CA ARG B 187 6.12 23.56 25.12
C ARG B 187 6.19 22.43 26.15
N GLN B 188 5.04 22.00 26.65
CA GLN B 188 4.98 20.96 27.67
C GLN B 188 4.07 19.85 27.16
N PRO B 189 4.29 18.60 27.59
CA PRO B 189 3.51 17.48 27.04
C PRO B 189 1.99 17.63 27.25
N GLU B 190 1.60 18.30 28.33
CA GLU B 190 0.19 18.52 28.61
C GLU B 190 -0.44 19.54 27.66
N ASP B 191 0.40 20.26 26.92
CA ASP B 191 -0.09 21.24 25.96
C ASP B 191 -0.52 20.59 24.66
N PHE B 192 -0.24 19.30 24.50
CA PHE B 192 -0.60 18.66 23.23
C PHE B 192 -2.11 18.48 23.11
N GLN B 193 -2.75 18.04 24.18
CA GLN B 193 -4.20 17.89 24.18
C GLN B 193 -4.85 19.25 23.96
N LYS B 194 -4.19 20.31 24.45
CA LYS B 194 -4.68 21.67 24.26
C LYS B 194 -4.68 22.03 22.78
N LEU B 195 -3.66 21.60 22.06
CA LEU B 195 -3.57 21.83 20.62
C LEU B 195 -4.70 21.13 19.87
N LEU B 196 -4.92 19.87 20.18
CA LEU B 196 -5.99 19.08 19.57
C LEU B 196 -7.35 19.72 19.82
N ASP B 197 -7.59 20.13 21.08
CA ASP B 197 -8.85 20.77 21.44
C ASP B 197 -9.03 22.06 20.65
N PHE B 198 -7.91 22.69 20.31
CA PHE B 198 -7.92 23.98 19.65
C PHE B 198 -8.25 23.88 18.15
N VAL B 199 -7.88 22.77 17.50
CA VAL B 199 -8.02 22.70 16.05
C VAL B 199 -9.15 21.76 15.62
N PHE B 200 -9.67 20.96 16.56
CA PHE B 200 -10.79 20.06 16.27
C PHE B 200 -12.08 20.46 16.97
N VAL B 201 -13.21 20.36 16.26
CA VAL B 201 -14.50 20.36 16.96
C VAL B 201 -14.76 18.95 17.47
N GLN B 202 -14.73 17.97 16.56
CA GLN B 202 -14.82 16.57 16.94
C GLN B 202 -13.49 15.87 16.65
N GLN B 203 -12.73 15.54 17.68
CA GLN B 203 -11.43 14.91 17.49
CA GLN B 203 -11.43 14.92 17.49
C GLN B 203 -11.57 13.46 17.07
N PRO B 204 -10.89 13.07 15.99
CA PRO B 204 -10.87 11.66 15.56
C PRO B 204 -10.23 10.82 16.65
N PRO B 205 -10.65 9.55 16.78
CA PRO B 205 -10.09 8.67 17.81
C PRO B 205 -8.57 8.60 17.72
N LEU B 206 -7.93 8.71 18.88
CA LEU B 206 -6.48 8.68 18.96
C LEU B 206 -6.05 7.78 20.12
N PRO B 207 -5.39 6.66 19.80
CA PRO B 207 -4.89 5.72 20.82
C PRO B 207 -3.89 6.41 21.77
N ALA B 208 -4.02 6.14 23.06
CA ALA B 208 -3.18 6.78 24.07
C ALA B 208 -1.66 6.71 23.78
N PRO B 209 -1.13 5.54 23.37
CA PRO B 209 0.31 5.53 23.09
C PRO B 209 0.71 6.45 21.95
N LEU B 210 -0.10 6.48 20.90
CA LEU B 210 0.18 7.35 19.77
C LEU B 210 0.08 8.80 20.21
N LYS B 211 -0.91 9.11 21.04
CA LYS B 211 -1.08 10.46 21.54
C LYS B 211 0.16 10.86 22.34
N ARG B 212 0.64 9.95 23.19
CA ARG B 212 1.82 10.17 24.02
C ARG B 212 3.05 10.43 23.15
N TYR B 213 3.19 9.67 22.07
CA TYR B 213 4.31 9.87 21.14
C TYR B 213 4.23 11.20 20.42
N LEU B 214 3.05 11.53 19.90
CA LEU B 214 2.84 12.79 19.19
C LEU B 214 3.14 14.01 20.05
N GLY B 215 2.70 13.98 21.30
CA GLY B 215 2.96 15.07 22.22
C GLY B 215 4.45 15.22 22.49
N GLU B 216 5.14 14.10 22.63
CA GLU B 216 6.59 14.11 22.85
C GLU B 216 7.32 14.72 21.65
N ARG B 217 6.94 14.30 20.45
CA ARG B 217 7.54 14.84 19.24
C ARG B 217 7.31 16.34 19.12
N ALA B 218 6.11 16.79 19.47
CA ALA B 218 5.76 18.20 19.41
C ALA B 218 6.59 19.04 20.40
N VAL B 219 6.77 18.52 21.62
CA VAL B 219 7.61 19.20 22.61
C VAL B 219 9.06 19.27 22.11
N ALA B 220 9.54 18.16 21.56
CA ALA B 220 10.91 18.10 21.04
C ALA B 220 11.11 19.06 19.87
N ALA B 221 10.06 19.33 19.10
CA ALA B 221 10.14 20.22 17.95
C ALA B 221 9.87 21.68 18.29
N SER B 222 9.49 21.94 19.54
CA SER B 222 8.87 23.22 19.85
C SER B 222 9.80 24.43 19.74
N ALA B 223 11.06 24.29 20.17
CA ALA B 223 12.00 25.42 20.07
C ALA B 223 12.22 25.82 18.60
N PHE B 224 12.46 24.83 17.75
CA PHE B 224 12.61 25.06 16.32
C PHE B 224 11.31 25.55 15.67
N ASN B 225 10.18 24.96 16.03
CA ASN B 225 8.90 25.41 15.51
C ASN B 225 8.62 26.85 15.90
N ALA B 226 8.95 27.20 17.14
CA ALA B 226 8.77 28.55 17.63
C ALA B 226 9.59 29.56 16.82
N GLN B 227 10.79 29.16 16.40
CA GLN B 227 11.65 30.04 15.62
C GLN B 227 11.04 30.22 14.22
N ILE B 228 10.53 29.14 13.63
CA ILE B 228 9.83 29.25 12.35
C ILE B 228 8.60 30.14 12.47
N PHE B 229 7.84 29.96 13.54
CA PHE B 229 6.63 30.75 13.73
C PHE B 229 7.00 32.24 13.80
N GLU B 230 8.15 32.56 14.38
CA GLU B 230 8.59 33.95 14.44
C GLU B 230 8.89 34.50 13.04
N GLN B 231 9.49 33.66 12.18
CA GLN B 231 9.71 34.02 10.79
C GLN B 231 8.40 34.28 10.07
N LEU B 232 7.38 33.48 10.36
CA LEU B 232 6.07 33.60 9.73
C LEU B 232 5.41 34.92 10.11
N ARG B 233 5.68 35.40 11.32
CA ARG B 233 5.18 36.70 11.76
C ARG B 233 5.97 37.84 11.13
N GLN B 234 7.30 37.75 11.19
CA GLN B 234 8.14 38.87 10.75
C GLN B 234 8.20 39.00 9.22
N ARG B 235 8.03 37.87 8.54
CA ARG B 235 8.16 37.81 7.09
C ARG B 235 6.84 37.41 6.42
N TYR B 236 5.74 37.84 7.02
CA TYR B 236 4.39 37.59 6.54
C TYR B 236 4.17 38.26 5.18
N ILE B 237 3.58 37.55 4.23
CA ILE B 237 3.24 38.12 2.92
C ILE B 237 1.72 38.17 2.76
N PRO B 238 1.14 39.37 2.72
CA PRO B 238 -0.30 39.49 2.55
C PRO B 238 -0.75 38.90 1.22
N LEU B 239 -1.84 38.14 1.23
CA LEU B 239 -2.36 37.57 -0.01
C LEU B 239 -3.26 38.54 -0.78
N GLU B 240 -3.85 39.51 -0.09
CA GLU B 240 -4.81 40.42 -0.73
C GLU B 240 -4.31 40.99 -2.07
N PRO B 241 -3.06 41.48 -2.13
CA PRO B 241 -2.61 41.97 -3.44
C PRO B 241 -2.24 40.84 -4.44
N GLU B 242 -2.11 39.61 -3.96
CA GLU B 242 -1.64 38.54 -4.83
C GLU B 242 -2.79 37.74 -5.44
N LEU B 243 -3.88 37.61 -4.68
CA LEU B 243 -5.02 36.84 -5.15
C LEU B 243 -5.56 37.26 -6.54
N PRO B 244 -5.61 38.58 -6.86
CA PRO B 244 -6.13 38.91 -8.19
C PRO B 244 -5.24 38.39 -9.32
N LYS B 245 -4.01 38.01 -9.01
CA LYS B 245 -3.09 37.48 -10.01
C LYS B 245 -3.33 36.01 -10.31
N ILE B 246 -4.07 35.34 -9.46
CA ILE B 246 -4.30 33.91 -9.64
C ILE B 246 -5.23 33.71 -10.84
N GLU B 247 -4.80 32.88 -11.77
CA GLU B 247 -5.58 32.61 -12.98
C GLU B 247 -6.43 31.36 -12.83
N ALA B 248 -6.00 30.45 -11.97
CA ALA B 248 -6.67 29.17 -11.79
C ALA B 248 -7.98 29.26 -11.00
N PRO B 249 -8.93 28.36 -11.30
CA PRO B 249 -10.08 28.19 -10.41
C PRO B 249 -9.63 27.86 -8.98
N THR B 250 -10.25 28.51 -8.01
CA THR B 250 -9.79 28.46 -6.62
C THR B 250 -10.93 28.10 -5.67
N LEU B 251 -10.75 27.00 -4.94
CA LEU B 251 -11.69 26.55 -3.94
C LEU B 251 -11.31 27.13 -2.60
N LEU B 252 -12.27 27.81 -1.96
CA LEU B 252 -12.11 28.24 -0.58
C LEU B 252 -12.92 27.31 0.30
N LEU B 253 -12.26 26.52 1.15
CA LEU B 253 -12.98 25.58 2.00
C LEU B 253 -12.61 25.81 3.48
N TRP B 254 -13.63 25.89 4.33
CA TRP B 254 -13.44 26.20 5.75
C TRP B 254 -14.26 25.28 6.63
N GLY B 255 -13.73 25.02 7.83
CA GLY B 255 -14.55 24.54 8.92
C GLY B 255 -15.16 25.78 9.58
N ASP B 256 -16.49 25.79 9.75
CA ASP B 256 -17.16 27.02 10.20
C ASP B 256 -16.70 27.47 11.59
N ARG B 257 -16.24 26.52 12.41
CA ARG B 257 -15.84 26.84 13.79
C ARG B 257 -14.33 26.87 13.97
N ASP B 258 -13.61 27.06 12.87
CA ASP B 258 -12.16 27.24 12.87
C ASP B 258 -11.78 28.36 13.85
N ARG B 259 -11.01 28.01 14.89
CA ARG B 259 -10.65 28.99 15.92
C ARG B 259 -9.30 29.61 15.63
N VAL B 260 -8.56 29.00 14.71
CA VAL B 260 -7.20 29.40 14.39
C VAL B 260 -7.20 30.54 13.37
N LEU B 261 -7.98 30.34 12.31
CA LEU B 261 -8.11 31.33 11.25
C LEU B 261 -9.60 31.51 10.94
N ASP B 262 -10.07 32.74 10.88
CA ASP B 262 -11.51 32.94 10.89
C ASP B 262 -12.18 32.72 9.54
N VAL B 263 -13.36 32.12 9.59
CA VAL B 263 -14.13 31.80 8.38
C VAL B 263 -14.45 33.07 7.57
N SER B 264 -14.46 34.24 8.23
CA SER B 264 -14.67 35.50 7.51
C SER B 264 -13.53 35.83 6.53
N SER B 265 -12.45 35.06 6.57
CA SER B 265 -11.41 35.11 5.55
C SER B 265 -12.00 34.95 4.15
N ILE B 266 -13.06 34.16 4.05
CA ILE B 266 -13.67 33.89 2.77
C ILE B 266 -14.26 35.17 2.16
N GLU B 267 -14.82 36.03 3.01
CA GLU B 267 -15.40 37.29 2.55
C GLU B 267 -14.32 38.21 2.02
N VAL B 268 -13.10 38.06 2.54
CA VAL B 268 -11.96 38.84 2.03
C VAL B 268 -11.51 38.32 0.66
N MET B 269 -11.41 37.00 0.51
CA MET B 269 -10.78 36.41 -0.67
C MET B 269 -11.70 36.32 -1.89
N ARG B 270 -12.97 36.01 -1.65
CA ARG B 270 -13.93 35.81 -2.72
C ARG B 270 -13.93 36.96 -3.75
N PRO B 271 -14.07 38.24 -3.31
CA PRO B 271 -14.03 39.34 -4.29
C PRO B 271 -12.72 39.49 -5.08
N LEU B 272 -11.63 38.98 -4.53
CA LEU B 272 -10.30 39.19 -5.10
C LEU B 272 -9.90 38.08 -6.07
N LEU B 273 -10.72 37.03 -6.15
CA LEU B 273 -10.40 35.90 -6.99
C LEU B 273 -11.17 35.92 -8.29
N LYS B 274 -10.50 35.58 -9.38
CA LYS B 274 -11.17 35.53 -10.68
C LYS B 274 -12.23 34.43 -10.72
N ARG B 275 -11.89 33.25 -10.21
CA ARG B 275 -12.80 32.10 -10.29
C ARG B 275 -12.92 31.33 -8.98
N PRO B 276 -13.56 31.93 -7.96
CA PRO B 276 -13.66 31.27 -6.66
C PRO B 276 -14.87 30.31 -6.55
N SER B 277 -14.64 29.19 -5.86
CA SER B 277 -15.69 28.29 -5.37
C SER B 277 -15.64 28.37 -3.85
N VAL B 278 -16.74 28.05 -3.18
CA VAL B 278 -16.78 28.14 -1.74
C VAL B 278 -17.40 26.89 -1.12
N VAL B 279 -16.75 26.36 -0.10
CA VAL B 279 -17.35 25.32 0.73
C VAL B 279 -17.13 25.66 2.19
N ILE B 280 -18.22 25.75 2.95
CA ILE B 280 -18.10 25.89 4.40
C ILE B 280 -18.73 24.69 5.07
N MET B 281 -17.92 23.93 5.78
CA MET B 281 -18.40 22.73 6.46
C MET B 281 -18.88 23.04 7.88
N GLU B 282 -20.04 22.50 8.22
CA GLU B 282 -20.70 22.85 9.47
C GLU B 282 -20.14 22.07 10.67
N ASN B 283 -20.01 22.76 11.80
CA ASN B 283 -19.51 22.17 13.04
C ASN B 283 -18.17 21.48 12.88
N CYS B 284 -17.25 22.17 12.21
CA CYS B 284 -15.94 21.62 11.89
C CYS B 284 -14.86 22.64 12.24
N GLY B 285 -13.67 22.13 12.57
CA GLY B 285 -12.57 22.99 12.98
C GLY B 285 -11.58 23.32 11.88
N HIS B 286 -10.35 23.61 12.29
CA HIS B 286 -9.29 24.15 11.44
C HIS B 286 -8.70 23.18 10.41
N VAL B 287 -8.88 21.87 10.62
CA VAL B 287 -8.29 20.88 9.73
C VAL B 287 -9.34 19.86 9.22
N PRO B 288 -10.29 20.34 8.40
CA PRO B 288 -11.38 19.50 7.89
C PRO B 288 -10.89 18.22 7.24
N MET B 289 -9.76 18.28 6.53
CA MET B 289 -9.25 17.09 5.83
C MET B 289 -8.80 16.02 6.82
N VAL B 290 -8.57 16.41 8.08
CA VAL B 290 -8.28 15.42 9.12
C VAL B 290 -9.54 15.09 9.93
N GLU B 291 -10.30 16.13 10.27
CA GLU B 291 -11.47 15.92 11.11
C GLU B 291 -12.55 15.11 10.40
N ARG B 292 -12.81 15.47 9.15
CA ARG B 292 -13.84 14.78 8.34
C ARG B 292 -13.28 14.55 6.93
N PRO B 293 -12.36 13.57 6.80
CA PRO B 293 -11.54 13.41 5.60
C PRO B 293 -12.34 13.05 4.35
N GLU B 294 -13.26 12.09 4.46
CA GLU B 294 -14.01 11.60 3.31
C GLU B 294 -14.97 12.68 2.79
N GLU B 295 -15.59 13.39 3.71
CA GLU B 295 -16.45 14.50 3.36
C GLU B 295 -15.67 15.64 2.68
N THR B 296 -14.53 15.99 3.24
CA THR B 296 -13.73 17.06 2.68
C THR B 296 -13.25 16.67 1.30
N ALA B 297 -12.85 15.41 1.16
CA ALA B 297 -12.38 14.89 -0.12
C ALA B 297 -13.46 14.87 -1.17
N GLN B 298 -14.69 14.56 -0.77
CA GLN B 298 -15.82 14.55 -1.71
CA GLN B 298 -15.81 14.54 -1.70
C GLN B 298 -16.12 15.96 -2.23
N HIS B 299 -16.10 16.96 -1.34
CA HIS B 299 -16.26 18.36 -1.77
C HIS B 299 -15.15 18.72 -2.76
N TYR B 300 -13.92 18.32 -2.44
CA TYR B 300 -12.78 18.61 -3.30
C TYR B 300 -12.90 17.92 -4.66
N GLN B 301 -13.28 16.63 -4.68
CA GLN B 301 -13.52 15.91 -5.93
CA GLN B 301 -13.49 15.94 -5.95
C GLN B 301 -14.59 16.60 -6.78
N ALA B 302 -15.64 17.06 -6.12
CA ALA B 302 -16.72 17.77 -6.81
C ALA B 302 -16.16 19.02 -7.47
N PHE B 303 -15.38 19.79 -6.70
CA PHE B 303 -14.71 20.98 -7.21
C PHE B 303 -13.84 20.67 -8.43
N LEU B 304 -13.02 19.63 -8.31
CA LEU B 304 -12.15 19.19 -9.40
C LEU B 304 -12.95 18.79 -10.63
N ASP B 305 -14.09 18.15 -10.42
CA ASP B 305 -14.94 17.75 -11.54
C ASP B 305 -15.37 18.98 -12.35
N GLY B 306 -15.76 20.06 -11.65
CA GLY B 306 -16.07 21.33 -12.30
C GLY B 306 -14.90 21.93 -13.05
N VAL B 307 -13.72 21.92 -12.45
CA VAL B 307 -12.53 22.42 -13.10
C VAL B 307 -12.22 21.71 -14.41
N ARG B 308 -12.32 20.38 -14.42
CA ARG B 308 -12.02 19.62 -15.62
C ARG B 308 -13.12 19.74 -16.68
N ASN B 309 -14.35 19.89 -16.22
CA ASN B 309 -15.53 19.82 -17.07
C ASN B 309 -16.10 21.21 -17.39
N ALA B 310 -15.52 21.91 -18.37
CA ALA B 310 -15.94 23.28 -18.68
C ALA B 310 -15.45 23.69 -20.05
#